data_8OFT
#
_entry.id   8OFT
#
_cell.length_a   66.946
_cell.length_b   93.648
_cell.length_c   94.840
_cell.angle_alpha   90.00
_cell.angle_beta   98.45
_cell.angle_gamma   90.00
#
_symmetry.space_group_name_H-M   'C 1 2 1'
#
loop_
_entity.id
_entity.type
_entity.pdbx_description
1 polymer Fiber
2 water water
#
_entity_poly.entity_id   1
_entity_poly.type   'polypeptide(L)'
_entity_poly.pdbx_seq_one_letter_code
;HDDRRTLWTTPDPSPNCTIDEERDSKLTLVLTKCGSQILANVSLLVVKGKFSNINNNTNPTDKKITVKLLFNEKGVLMDS
SSLKKEYWNYRNDNSTVSQAYDNAVPFMPNIKAYPKPTTDTSAKPEDKKSAAKRYIVSNVYIGGLPDKTVVITIKLNAET
ESAYSMTFEFTWAKTFENLQFDSSSFTFSYIAQEN
;
_entity_poly.pdbx_strand_id   A,B,C
#
# COMPACT_ATOMS: atom_id res chain seq x y z
N HIS A 1 10.58 19.42 -18.61
CA HIS A 1 10.85 18.32 -19.58
C HIS A 1 9.52 17.65 -19.97
N ASP A 2 9.23 16.47 -19.42
CA ASP A 2 8.29 15.48 -20.03
C ASP A 2 8.60 14.08 -19.45
N ASP A 3 7.56 13.39 -18.96
CA ASP A 3 7.70 12.18 -18.10
C ASP A 3 6.62 11.15 -18.47
N ARG A 4 6.97 10.13 -19.26
CA ARG A 4 6.03 9.07 -19.72
C ARG A 4 6.02 7.89 -18.73
N ARG A 5 6.64 8.07 -17.56
CA ARG A 5 6.63 7.12 -16.43
C ARG A 5 5.54 7.53 -15.41
N THR A 6 4.91 8.70 -15.61
CA THR A 6 3.76 9.18 -14.82
C THR A 6 2.57 9.54 -15.73
N LEU A 7 1.43 8.90 -15.50
CA LEU A 7 0.12 9.24 -16.08
C LEU A 7 -0.77 9.75 -14.95
N TRP A 8 -1.18 11.01 -14.98
CA TRP A 8 -1.90 11.58 -13.82
C TRP A 8 -2.99 12.58 -14.24
N THR A 9 -3.91 12.86 -13.32
CA THR A 9 -4.72 14.09 -13.31
C THR A 9 -3.62 15.12 -13.23
N THR A 10 -3.80 16.29 -12.75
CA THR A 10 -2.54 16.90 -12.24
C THR A 10 -2.50 16.59 -10.75
N PRO A 11 -1.47 16.99 -9.97
CA PRO A 11 -1.54 16.90 -8.50
C PRO A 11 -2.53 17.87 -7.85
N ASP A 12 -2.93 18.91 -8.58
CA ASP A 12 -3.86 19.96 -8.07
C ASP A 12 -4.93 20.25 -9.11
N PRO A 13 -5.79 19.28 -9.47
CA PRO A 13 -6.68 19.43 -10.62
C PRO A 13 -7.79 20.46 -10.35
N SER A 14 -8.25 21.10 -11.43
CA SER A 14 -9.56 21.79 -11.52
C SER A 14 -10.65 20.74 -11.47
N PRO A 15 -11.91 21.09 -11.17
CA PRO A 15 -12.96 20.07 -11.12
C PRO A 15 -12.89 19.30 -12.45
N ASN A 16 -12.75 17.98 -12.37
CA ASN A 16 -12.34 17.13 -13.53
C ASN A 16 -13.13 15.83 -13.54
N CYS A 17 -14.19 15.74 -12.76
CA CYS A 17 -14.87 14.46 -12.46
C CYS A 17 -16.35 14.72 -12.22
N THR A 18 -17.20 13.95 -12.90
CA THR A 18 -18.68 13.99 -12.82
C THR A 18 -19.15 12.77 -12.02
N ILE A 19 -19.67 12.98 -10.81
CA ILE A 19 -20.38 11.93 -10.02
C ILE A 19 -21.89 12.09 -10.24
N ASP A 20 -22.45 13.25 -9.89
CA ASP A 20 -23.89 13.53 -10.12
C ASP A 20 -23.98 14.57 -11.24
N GLU A 21 -23.57 15.81 -10.95
CA GLU A 21 -23.61 16.92 -11.95
C GLU A 21 -22.22 17.15 -12.53
N GLU A 22 -22.19 17.79 -13.71
CA GLU A 22 -20.99 18.15 -14.50
C GLU A 22 -19.88 18.65 -13.57
N ARG A 23 -18.73 17.97 -13.53
CA ARG A 23 -17.49 18.47 -12.88
C ARG A 23 -17.79 18.88 -11.42
N ASP A 24 -18.49 18.02 -10.68
CA ASP A 24 -18.87 18.27 -9.27
C ASP A 24 -17.75 17.80 -8.32
N SER A 25 -16.70 17.18 -8.84
CA SER A 25 -15.62 16.61 -8.01
C SER A 25 -14.24 16.83 -8.61
N LYS A 26 -13.23 16.75 -7.76
CA LYS A 26 -11.81 16.75 -8.13
C LYS A 26 -11.23 15.38 -7.81
N LEU A 27 -10.95 14.57 -8.83
CA LEU A 27 -10.22 13.29 -8.63
C LEU A 27 -8.73 13.58 -8.79
N THR A 28 -7.94 13.32 -7.76
CA THR A 28 -6.46 13.31 -7.89
C THR A 28 -6.01 11.87 -7.99
N LEU A 29 -5.56 11.48 -9.19
CA LEU A 29 -5.10 10.10 -9.46
C LEU A 29 -3.74 10.17 -10.14
N VAL A 30 -2.76 9.50 -9.55
CA VAL A 30 -1.39 9.40 -10.08
C VAL A 30 -1.07 7.93 -10.29
N LEU A 31 -0.74 7.57 -11.53
CA LEU A 31 -0.22 6.22 -11.88
C LEU A 31 1.27 6.37 -12.23
N THR A 32 2.16 5.73 -11.48
CA THR A 32 3.58 5.71 -11.81
C THR A 32 4.01 4.28 -12.12
N LYS A 33 4.62 4.13 -13.29
CA LYS A 33 5.10 2.82 -13.78
C LYS A 33 6.39 2.47 -13.03
N CYS A 34 6.35 1.40 -12.22
N CYS A 34 6.34 1.39 -12.26
CA CYS A 34 7.55 0.68 -11.69
CA CYS A 34 7.51 0.67 -11.70
C CYS A 34 7.61 -0.70 -12.38
C CYS A 34 7.61 -0.70 -12.38
N GLY A 35 8.01 -0.70 -13.64
CA GLY A 35 8.10 -1.89 -14.50
C GLY A 35 6.78 -2.59 -14.66
N SER A 36 6.71 -3.82 -14.18
CA SER A 36 5.55 -4.72 -14.38
C SER A 36 4.39 -4.33 -13.43
N GLN A 37 4.59 -3.39 -12.52
CA GLN A 37 3.47 -2.86 -11.66
C GLN A 37 3.31 -1.35 -11.85
N ILE A 38 2.07 -0.90 -11.78
CA ILE A 38 1.69 0.52 -11.61
C ILE A 38 1.46 0.77 -10.13
N LEU A 39 2.17 1.74 -9.58
CA LEU A 39 1.93 2.32 -8.24
C LEU A 39 0.90 3.45 -8.37
N ALA A 40 -0.28 3.25 -7.81
CA ALA A 40 -1.44 4.12 -7.97
C ALA A 40 -1.71 4.83 -6.64
N ASN A 41 -2.11 6.10 -6.72
CA ASN A 41 -2.46 6.93 -5.56
C ASN A 41 -3.71 7.74 -5.93
N VAL A 42 -4.72 7.70 -5.09
CA VAL A 42 -6.03 8.27 -5.42
C VAL A 42 -6.64 8.95 -4.19
N SER A 43 -7.26 10.12 -4.44
CA SER A 43 -8.05 10.88 -3.47
C SER A 43 -9.15 11.58 -4.24
N LEU A 44 -10.27 11.84 -3.58
CA LEU A 44 -11.47 12.41 -4.22
C LEU A 44 -12.09 13.45 -3.29
N LEU A 45 -12.18 14.67 -3.81
CA LEU A 45 -12.89 15.79 -3.17
C LEU A 45 -14.10 16.13 -4.03
N VAL A 46 -15.29 16.04 -3.45
CA VAL A 46 -16.56 16.48 -4.11
C VAL A 46 -16.84 17.93 -3.72
N VAL A 47 -16.82 18.83 -4.72
CA VAL A 47 -16.78 20.30 -4.51
C VAL A 47 -18.22 20.84 -4.56
N LYS A 48 -19.14 20.22 -5.30
CA LYS A 48 -20.55 20.70 -5.36
C LYS A 48 -21.52 19.51 -5.50
N GLY A 49 -22.82 19.81 -5.40
CA GLY A 49 -23.90 18.81 -5.50
C GLY A 49 -24.02 18.00 -4.23
N LYS A 50 -24.87 17.00 -4.28
CA LYS A 50 -25.35 16.17 -3.15
C LYS A 50 -24.17 15.75 -2.27
N PHE A 51 -23.05 15.30 -2.85
CA PHE A 51 -21.96 14.65 -2.13
C PHE A 51 -20.93 15.68 -1.64
N SER A 52 -21.10 16.97 -1.97
CA SER A 52 -20.34 18.08 -1.33
C SER A 52 -20.88 18.32 0.09
N ASN A 53 -22.06 17.80 0.42
CA ASN A 53 -22.67 17.96 1.76
C ASN A 53 -23.58 16.76 2.01
N ILE A 54 -22.99 15.61 2.28
CA ILE A 54 -23.73 14.36 2.53
C ILE A 54 -24.58 14.56 3.77
N ASN A 55 -25.84 14.17 3.71
CA ASN A 55 -26.72 14.14 4.91
C ASN A 55 -27.65 12.91 4.80
N ASN A 56 -27.34 11.89 5.58
CA ASN A 56 -28.05 10.59 5.56
C ASN A 56 -29.22 10.61 6.55
N ASN A 57 -29.46 11.73 7.26
CA ASN A 57 -30.75 11.95 7.97
C ASN A 57 -31.78 12.33 6.91
N THR A 58 -31.45 13.28 6.04
CA THR A 58 -32.34 13.78 4.96
C THR A 58 -32.32 12.79 3.79
N ASN A 59 -31.18 12.19 3.48
CA ASN A 59 -31.02 11.30 2.28
C ASN A 59 -30.36 9.99 2.71
N PRO A 60 -31.09 9.08 3.38
CA PRO A 60 -30.50 7.86 3.90
C PRO A 60 -29.97 6.88 2.83
N THR A 61 -30.37 7.01 1.57
CA THR A 61 -29.91 6.13 0.46
C THR A 61 -28.62 6.65 -0.19
N ASP A 62 -28.14 7.86 0.17
CA ASP A 62 -26.92 8.47 -0.43
C ASP A 62 -25.68 7.94 0.28
N LYS A 63 -25.28 6.71 -0.01
CA LYS A 63 -24.19 6.04 0.71
C LYS A 63 -23.22 5.39 -0.27
N LYS A 64 -23.25 5.81 -1.54
CA LYS A 64 -22.32 5.26 -2.57
C LYS A 64 -21.92 6.34 -3.58
N ILE A 65 -20.63 6.39 -3.91
CA ILE A 65 -20.06 7.19 -5.04
C ILE A 65 -19.26 6.23 -5.92
N THR A 66 -19.48 6.25 -7.23
CA THR A 66 -18.68 5.46 -8.19
C THR A 66 -17.99 6.41 -9.18
N VAL A 67 -16.67 6.30 -9.30
CA VAL A 67 -15.88 6.98 -10.36
C VAL A 67 -15.36 5.90 -11.32
N LYS A 68 -15.73 6.00 -12.60
CA LYS A 68 -15.38 5.00 -13.65
C LYS A 68 -14.38 5.61 -14.59
N LEU A 69 -13.22 4.96 -14.75
CA LEU A 69 -12.30 5.21 -15.88
C LEU A 69 -12.43 4.05 -16.88
N LEU A 70 -12.86 4.35 -18.09
CA LEU A 70 -12.92 3.39 -19.21
C LEU A 70 -11.84 3.77 -20.23
N PHE A 71 -11.10 2.77 -20.71
CA PHE A 71 -10.03 2.97 -21.72
C PHE A 71 -10.29 2.08 -22.92
N ASN A 72 -9.93 2.57 -24.11
CA ASN A 72 -9.94 1.81 -25.38
C ASN A 72 -8.63 1.01 -25.46
N GLU A 73 -8.39 0.33 -26.57
CA GLU A 73 -7.30 -0.68 -26.68
C GLU A 73 -5.94 0.04 -26.69
N LYS A 74 -5.93 1.37 -26.86
CA LYS A 74 -4.69 2.19 -26.82
C LYS A 74 -4.48 2.79 -25.43
N GLY A 75 -5.41 2.56 -24.51
CA GLY A 75 -5.35 3.08 -23.13
C GLY A 75 -5.76 4.55 -23.06
N VAL A 76 -6.44 5.05 -24.09
CA VAL A 76 -7.02 6.41 -24.12
C VAL A 76 -8.33 6.39 -23.34
N LEU A 77 -8.52 7.39 -22.47
CA LEU A 77 -9.75 7.56 -21.64
C LEU A 77 -10.95 7.80 -22.55
N MET A 78 -12.03 7.01 -22.39
CA MET A 78 -13.26 7.14 -23.21
C MET A 78 -14.18 8.18 -22.57
N ASP A 79 -15.01 8.86 -23.36
CA ASP A 79 -15.80 10.06 -22.92
C ASP A 79 -16.85 9.64 -21.89
N SER A 80 -17.23 8.37 -21.88
CA SER A 80 -18.19 7.79 -20.87
C SER A 80 -17.51 7.67 -19.49
N SER A 81 -16.21 7.86 -19.38
CA SER A 81 -15.50 7.91 -18.08
C SER A 81 -16.05 9.07 -17.24
N SER A 82 -16.04 8.90 -15.91
CA SER A 82 -16.36 9.94 -14.90
C SER A 82 -15.34 11.08 -15.01
N LEU A 83 -14.07 10.73 -15.22
CA LEU A 83 -12.94 11.66 -15.34
C LEU A 83 -12.93 12.33 -16.72
N LYS A 84 -12.66 13.62 -16.76
CA LYS A 84 -12.54 14.44 -18.00
C LYS A 84 -11.11 14.36 -18.55
N LYS A 85 -10.97 14.50 -19.85
CA LYS A 85 -9.78 14.07 -20.62
C LYS A 85 -8.70 15.16 -20.63
N GLU A 86 -9.07 16.44 -20.51
CA GLU A 86 -8.19 17.60 -20.81
C GLU A 86 -6.88 17.49 -20.02
N TYR A 87 -6.93 17.09 -18.74
CA TYR A 87 -5.75 17.05 -17.85
C TYR A 87 -5.55 15.64 -17.28
N TRP A 88 -5.95 14.62 -18.04
CA TRP A 88 -5.52 13.23 -17.84
C TRP A 88 -4.44 12.91 -18.87
N ASN A 89 -3.18 12.94 -18.46
CA ASN A 89 -2.06 12.87 -19.43
C ASN A 89 -0.78 12.55 -18.69
N TYR A 90 0.26 12.28 -19.45
CA TYR A 90 1.65 12.16 -19.01
C TYR A 90 2.07 13.45 -18.32
N ARG A 91 2.97 13.33 -17.37
CA ARG A 91 3.49 14.42 -16.52
C ARG A 91 4.44 15.30 -17.34
N ASN A 92 4.24 16.61 -17.26
CA ASN A 92 5.26 17.65 -17.53
C ASN A 92 5.26 18.61 -16.34
N ASP A 93 6.30 18.53 -15.49
CA ASP A 93 6.41 19.31 -14.22
C ASP A 93 5.21 18.95 -13.31
N ASN A 94 4.41 19.93 -12.87
CA ASN A 94 3.17 19.71 -12.09
C ASN A 94 1.93 19.77 -12.98
N SER A 95 2.10 19.67 -14.29
CA SER A 95 0.99 19.72 -15.28
C SER A 95 1.04 18.49 -16.19
N THR A 96 0.57 18.63 -17.44
CA THR A 96 0.50 17.54 -18.43
C THR A 96 1.26 17.95 -19.69
N VAL A 97 1.71 16.98 -20.48
CA VAL A 97 2.36 17.19 -21.80
C VAL A 97 1.39 18.02 -22.67
N SER A 98 1.91 18.94 -23.50
CA SER A 98 1.13 19.81 -24.41
C SER A 98 -0.05 19.01 -24.97
N GLN A 99 0.26 17.96 -25.75
CA GLN A 99 -0.66 17.22 -26.62
C GLN A 99 -1.22 15.96 -25.93
N ALA A 100 -2.49 15.64 -26.16
CA ALA A 100 -3.17 14.43 -25.65
C ALA A 100 -2.33 13.21 -26.05
N TYR A 101 -2.21 12.23 -25.16
CA TYR A 101 -1.40 11.01 -25.44
C TYR A 101 -2.15 10.12 -26.45
N ASP A 102 -1.40 9.40 -27.27
CA ASP A 102 -1.89 8.42 -28.27
C ASP A 102 -2.01 7.04 -27.62
N ASN A 103 -1.13 6.75 -26.68
CA ASN A 103 -0.93 5.38 -26.15
C ASN A 103 -0.54 5.40 -24.67
N ALA A 104 -1.25 4.64 -23.84
CA ALA A 104 -0.93 4.41 -22.42
C ALA A 104 -1.16 2.93 -22.07
N VAL A 105 -1.01 2.03 -23.05
CA VAL A 105 -1.19 0.56 -22.86
C VAL A 105 -0.31 0.10 -21.68
N PRO A 106 0.96 0.56 -21.56
CA PRO A 106 1.81 0.14 -20.45
C PRO A 106 1.31 0.55 -19.06
N PHE A 107 0.25 1.37 -18.96
CA PHE A 107 -0.39 1.75 -17.68
C PHE A 107 -1.71 1.02 -17.48
N MET A 108 -2.14 0.20 -18.43
CA MET A 108 -3.46 -0.47 -18.34
C MET A 108 -3.34 -1.68 -17.42
N PRO A 109 -4.42 -2.08 -16.72
CA PRO A 109 -4.42 -3.32 -15.95
C PRO A 109 -4.19 -4.52 -16.87
N ASN A 110 -3.22 -5.36 -16.50
CA ASN A 110 -2.80 -6.56 -17.27
C ASN A 110 -4.02 -7.43 -17.56
N ILE A 111 -4.24 -7.78 -18.83
CA ILE A 111 -5.49 -8.43 -19.33
C ILE A 111 -5.42 -9.93 -19.02
N LYS A 112 -4.23 -10.45 -18.71
CA LYS A 112 -4.06 -11.87 -18.28
C LYS A 112 -4.40 -11.98 -16.79
N ALA A 113 -3.91 -11.03 -15.99
CA ALA A 113 -4.20 -10.94 -14.55
C ALA A 113 -5.69 -10.61 -14.34
N TYR A 114 -6.22 -9.68 -15.13
CA TYR A 114 -7.59 -9.11 -14.98
C TYR A 114 -8.30 -9.16 -16.32
N PRO A 115 -8.62 -10.38 -16.80
CA PRO A 115 -9.33 -10.54 -18.08
C PRO A 115 -10.72 -9.89 -17.98
N LYS A 116 -11.27 -9.50 -19.12
CA LYS A 116 -12.66 -8.98 -19.15
C LYS A 116 -13.56 -10.12 -18.72
N PRO A 117 -14.47 -9.88 -17.77
CA PRO A 117 -15.43 -10.91 -17.36
C PRO A 117 -16.17 -11.49 -18.57
N THR A 118 -16.30 -12.81 -18.63
CA THR A 118 -17.05 -13.55 -19.66
C THR A 118 -18.25 -14.22 -18.99
N THR A 119 -19.31 -14.46 -19.75
CA THR A 119 -20.55 -15.13 -19.30
C THR A 119 -20.43 -16.61 -19.68
N ASP A 120 -19.40 -17.30 -19.17
CA ASP A 120 -19.10 -18.70 -19.58
C ASP A 120 -19.75 -19.68 -18.60
N THR A 121 -20.78 -20.38 -19.06
CA THR A 121 -21.46 -21.49 -18.36
C THR A 121 -20.71 -22.80 -18.66
N SER A 122 -19.68 -22.73 -19.52
CA SER A 122 -18.55 -23.70 -19.56
C SER A 122 -17.69 -23.46 -18.31
N ALA A 123 -17.68 -24.44 -17.41
CA ALA A 123 -17.25 -24.28 -16.00
C ALA A 123 -16.78 -25.64 -15.47
N LYS A 124 -15.60 -26.10 -15.92
CA LYS A 124 -14.75 -27.09 -15.17
C LYS A 124 -14.33 -26.44 -13.85
N PRO A 125 -14.88 -26.90 -12.69
CA PRO A 125 -14.91 -26.05 -11.49
C PRO A 125 -13.52 -25.55 -11.05
N GLU A 126 -12.48 -26.32 -11.39
CA GLU A 126 -11.06 -26.06 -11.05
C GLU A 126 -10.48 -24.99 -11.98
N ASP A 127 -11.09 -24.79 -13.16
CA ASP A 127 -10.68 -23.80 -14.19
C ASP A 127 -11.45 -22.50 -13.97
N LYS A 128 -12.36 -22.47 -12.99
CA LYS A 128 -13.08 -21.25 -12.56
C LYS A 128 -12.05 -20.15 -12.30
N LYS A 129 -12.28 -18.97 -12.87
CA LYS A 129 -11.39 -17.80 -12.81
C LYS A 129 -11.69 -17.02 -11.52
N SER A 130 -10.67 -16.40 -10.94
CA SER A 130 -10.83 -15.54 -9.75
C SER A 130 -11.89 -14.47 -10.02
N ALA A 131 -12.79 -14.27 -9.08
CA ALA A 131 -13.68 -13.10 -9.00
C ALA A 131 -13.01 -11.95 -8.25
N ALA A 132 -12.09 -12.24 -7.33
CA ALA A 132 -11.59 -11.25 -6.32
C ALA A 132 -10.32 -10.53 -6.79
N LYS A 133 -9.50 -11.19 -7.61
CA LYS A 133 -8.13 -10.77 -7.96
C LYS A 133 -8.14 -9.34 -8.56
N ARG A 134 -9.20 -9.00 -9.28
CA ARG A 134 -9.34 -7.67 -9.95
C ARG A 134 -9.76 -6.61 -8.93
N TYR A 135 -10.06 -6.99 -7.68
CA TYR A 135 -10.52 -6.06 -6.62
C TYR A 135 -9.35 -5.62 -5.76
N ILE A 136 -9.34 -4.35 -5.41
CA ILE A 136 -8.66 -3.83 -4.20
C ILE A 136 -9.74 -3.29 -3.28
N VAL A 137 -9.84 -3.83 -2.08
CA VAL A 137 -10.85 -3.34 -1.08
C VAL A 137 -10.13 -2.95 0.21
N SER A 138 -10.39 -1.73 0.64
CA SER A 138 -9.80 -1.18 1.87
C SER A 138 -10.70 -0.07 2.38
N ASN A 139 -10.18 0.68 3.32
CA ASN A 139 -10.90 1.82 3.94
C ASN A 139 -10.10 3.08 3.63
N VAL A 140 -10.82 4.16 3.39
CA VAL A 140 -10.34 5.55 3.49
C VAL A 140 -11.25 6.27 4.49
N TYR A 141 -10.86 7.48 4.88
CA TYR A 141 -11.46 8.23 5.98
C TYR A 141 -11.73 9.65 5.46
N ILE A 142 -12.98 10.08 5.53
CA ILE A 142 -13.36 11.45 5.14
C ILE A 142 -12.72 12.44 6.12
N GLY A 143 -12.10 13.50 5.60
CA GLY A 143 -11.39 14.49 6.43
C GLY A 143 -10.18 13.84 7.13
N GLY A 144 -9.83 12.60 6.78
CA GLY A 144 -8.82 11.80 7.52
C GLY A 144 -9.24 11.53 8.96
N LEU A 145 -10.52 11.69 9.28
CA LEU A 145 -11.09 11.44 10.63
C LEU A 145 -11.30 9.94 10.78
N PRO A 146 -10.80 9.34 11.88
CA PRO A 146 -10.78 7.89 12.04
C PRO A 146 -12.19 7.28 12.16
N ASP A 147 -13.18 8.08 12.59
CA ASP A 147 -14.59 7.62 12.77
C ASP A 147 -15.34 7.66 11.42
N LYS A 148 -14.82 8.37 10.40
CA LYS A 148 -15.60 8.62 9.17
C LYS A 148 -15.18 7.60 8.12
N THR A 149 -15.39 6.34 8.41
CA THR A 149 -14.89 5.21 7.62
C THR A 149 -15.69 5.10 6.33
N VAL A 150 -14.98 4.95 5.24
CA VAL A 150 -15.54 4.66 3.90
C VAL A 150 -14.84 3.42 3.36
N VAL A 151 -15.58 2.51 2.76
CA VAL A 151 -14.98 1.38 2.01
C VAL A 151 -14.64 1.91 0.63
N ILE A 152 -13.41 1.69 0.19
CA ILE A 152 -12.99 1.91 -1.22
C ILE A 152 -12.90 0.54 -1.89
N THR A 153 -13.67 0.36 -2.96
CA THR A 153 -13.61 -0.84 -3.84
C THR A 153 -13.07 -0.40 -5.19
N ILE A 154 -11.89 -0.88 -5.55
CA ILE A 154 -11.29 -0.67 -6.88
C ILE A 154 -11.44 -1.97 -7.65
N LYS A 155 -11.96 -1.87 -8.88
CA LYS A 155 -12.11 -3.03 -9.79
C LYS A 155 -11.40 -2.70 -11.08
N LEU A 156 -10.65 -3.66 -11.58
CA LEU A 156 -9.86 -3.53 -12.84
C LEU A 156 -10.54 -4.36 -13.95
N ASN A 157 -10.77 -3.74 -15.11
CA ASN A 157 -11.17 -4.40 -16.38
C ASN A 157 -12.51 -5.14 -16.21
N ALA A 158 -13.41 -4.64 -15.36
CA ALA A 158 -14.74 -5.25 -15.10
C ALA A 158 -15.80 -4.62 -16.00
N GLU A 159 -15.56 -3.42 -16.54
CA GLU A 159 -16.54 -2.68 -17.39
C GLU A 159 -16.62 -3.32 -18.76
N THR A 160 -17.83 -3.63 -19.22
CA THR A 160 -18.08 -4.42 -20.45
C THR A 160 -17.76 -3.55 -21.69
N GLU A 161 -18.02 -2.25 -21.66
CA GLU A 161 -18.06 -1.42 -22.91
C GLU A 161 -16.65 -0.91 -23.28
N SER A 162 -15.60 -1.36 -22.60
CA SER A 162 -14.23 -0.82 -22.71
C SER A 162 -13.20 -1.95 -22.82
N ALA A 163 -12.04 -1.67 -23.41
CA ALA A 163 -10.92 -2.63 -23.52
C ALA A 163 -10.30 -2.80 -22.13
N TYR A 164 -10.15 -1.71 -21.39
CA TYR A 164 -9.65 -1.70 -19.99
C TYR A 164 -10.53 -0.76 -19.15
N SER A 165 -10.51 -0.95 -17.85
CA SER A 165 -11.25 -0.07 -16.91
C SER A 165 -10.63 -0.11 -15.52
N MET A 166 -10.87 0.95 -14.78
CA MET A 166 -10.43 1.11 -13.40
C MET A 166 -11.55 1.90 -12.73
N THR A 167 -12.32 1.26 -11.84
CA THR A 167 -13.47 1.91 -11.18
C THR A 167 -13.19 2.05 -9.69
N PHE A 168 -13.55 3.19 -9.14
CA PHE A 168 -13.42 3.48 -7.69
C PHE A 168 -14.80 3.63 -7.09
N GLU A 169 -15.15 2.75 -6.17
CA GLU A 169 -16.45 2.79 -5.50
C GLU A 169 -16.22 3.10 -4.01
N PHE A 170 -16.81 4.19 -3.55
CA PHE A 170 -16.78 4.62 -2.15
C PHE A 170 -18.14 4.38 -1.53
N THR A 171 -18.20 3.60 -0.46
CA THR A 171 -19.45 3.28 0.29
C THR A 171 -19.24 3.51 1.78
N TRP A 172 -20.30 3.79 2.49
CA TRP A 172 -20.26 3.94 3.96
C TRP A 172 -21.55 3.41 4.53
N ALA A 173 -21.51 2.89 5.74
CA ALA A 173 -22.68 2.36 6.46
C ALA A 173 -23.19 3.40 7.45
N LYS A 174 -22.29 4.25 7.97
CA LYS A 174 -22.64 5.24 9.02
C LYS A 174 -23.54 6.31 8.41
N THR A 175 -24.29 6.99 9.27
CA THR A 175 -25.11 8.17 8.95
C THR A 175 -24.23 9.41 9.04
N PHE A 176 -23.76 9.91 7.91
CA PHE A 176 -22.99 11.16 7.80
C PHE A 176 -23.97 12.33 7.79
N GLU A 177 -23.56 13.40 8.42
CA GLU A 177 -24.41 14.55 8.76
C GLU A 177 -23.67 15.82 8.33
N ASN A 178 -24.03 16.36 7.16
CA ASN A 178 -23.48 17.62 6.59
C ASN A 178 -21.97 17.48 6.45
N LEU A 179 -21.55 16.46 5.72
CA LEU A 179 -20.14 16.09 5.57
C LEU A 179 -19.75 16.15 4.10
N GLN A 180 -18.76 16.97 3.76
CA GLN A 180 -18.22 17.03 2.39
C GLN A 180 -17.44 15.74 2.12
N PHE A 181 -17.76 15.04 1.04
CA PHE A 181 -16.97 13.85 0.66
C PHE A 181 -15.55 14.32 0.30
N ASP A 182 -14.58 13.87 1.07
CA ASP A 182 -13.15 14.26 0.99
C ASP A 182 -12.31 13.13 1.56
N SER A 183 -11.83 12.24 0.68
CA SER A 183 -11.23 10.94 1.06
C SER A 183 -9.74 11.12 1.35
N SER A 184 -9.28 10.57 2.46
CA SER A 184 -7.84 10.35 2.71
C SER A 184 -7.27 9.59 1.51
N SER A 185 -6.00 9.82 1.20
CA SER A 185 -5.31 9.27 0.02
C SER A 185 -5.10 7.78 0.22
N PHE A 186 -5.23 7.02 -0.85
CA PHE A 186 -5.10 5.56 -0.85
C PHE A 186 -4.09 5.18 -1.89
N THR A 187 -3.12 4.33 -1.51
CA THR A 187 -2.10 3.78 -2.44
C THR A 187 -2.41 2.31 -2.69
N PHE A 188 -2.33 1.91 -3.95
CA PHE A 188 -2.38 0.47 -4.31
C PHE A 188 -1.45 0.27 -5.51
N SER A 189 -1.35 -0.94 -5.98
CA SER A 189 -0.67 -1.27 -7.23
C SER A 189 -1.53 -2.26 -7.99
N TYR A 190 -1.20 -2.45 -9.26
CA TYR A 190 -1.78 -3.52 -10.10
C TYR A 190 -0.72 -3.92 -11.11
N ILE A 191 -0.91 -5.12 -11.67
CA ILE A 191 0.01 -5.67 -12.71
C ILE A 191 -0.28 -4.93 -14.02
N ALA A 192 0.79 -4.44 -14.66
CA ALA A 192 0.69 -3.63 -15.89
C ALA A 192 0.60 -4.56 -17.10
N GLN A 193 -0.23 -4.18 -18.07
CA GLN A 193 -0.14 -4.60 -19.48
C GLN A 193 1.22 -4.15 -20.04
N GLU A 194 1.67 -4.70 -21.16
CA GLU A 194 2.70 -4.02 -22.05
C GLU A 194 2.20 -3.96 -23.50
N ASN A 195 2.82 -3.10 -24.32
CA ASN A 195 2.54 -2.98 -25.79
C ASN A 195 2.89 -4.28 -26.50
N ASP B 2 12.63 -9.78 -21.64
CA ASP B 2 13.40 -10.34 -20.49
C ASP B 2 13.66 -9.23 -19.46
N ASP B 3 13.26 -9.45 -18.20
CA ASP B 3 13.05 -8.39 -17.19
C ASP B 3 13.45 -8.90 -15.79
N ARG B 4 14.66 -8.52 -15.33
CA ARG B 4 15.22 -8.96 -14.03
C ARG B 4 14.81 -7.98 -12.91
N ARG B 5 13.90 -7.05 -13.21
CA ARG B 5 13.31 -6.08 -12.24
C ARG B 5 11.93 -6.60 -11.80
N THR B 6 11.44 -7.70 -12.38
CA THR B 6 10.20 -8.40 -11.95
C THR B 6 10.48 -9.89 -11.69
N LEU B 7 10.22 -10.34 -10.48
CA LEU B 7 10.17 -11.76 -10.08
C LEU B 7 8.73 -12.12 -9.80
N TRP B 8 8.12 -13.01 -10.58
CA TRP B 8 6.68 -13.29 -10.39
C TRP B 8 6.34 -14.78 -10.58
N THR B 9 5.17 -15.18 -10.11
CA THR B 9 4.41 -16.34 -10.63
C THR B 9 4.24 -15.95 -12.07
N THR B 10 3.30 -16.38 -12.81
CA THR B 10 3.01 -15.48 -13.97
C THR B 10 1.86 -14.60 -13.49
N PRO B 11 1.32 -13.65 -14.29
CA PRO B 11 0.07 -12.98 -13.92
C PRO B 11 -1.18 -13.88 -14.00
N ASP B 12 -1.11 -15.00 -14.72
CA ASP B 12 -2.23 -15.94 -14.88
C ASP B 12 -1.75 -17.37 -14.66
N PRO B 13 -1.28 -17.73 -13.46
CA PRO B 13 -0.59 -19.02 -13.26
C PRO B 13 -1.56 -20.20 -13.34
N SER B 14 -1.05 -21.35 -13.81
CA SER B 14 -1.64 -22.70 -13.59
C SER B 14 -1.59 -22.99 -12.10
N PRO B 15 -2.37 -23.96 -11.58
CA PRO B 15 -2.32 -24.26 -10.16
C PRO B 15 -0.84 -24.47 -9.79
N ASN B 16 -0.36 -23.71 -8.81
CA ASN B 16 1.10 -23.54 -8.55
C ASN B 16 1.41 -23.55 -7.05
N CYS B 17 0.43 -23.92 -6.23
CA CYS B 17 0.50 -23.70 -4.77
C CYS B 17 -0.25 -24.82 -4.05
N THR B 18 0.39 -25.39 -3.02
CA THR B 18 -0.12 -26.53 -2.23
C THR B 18 -0.48 -26.05 -0.82
N ILE B 19 -1.78 -25.96 -0.50
CA ILE B 19 -2.27 -25.64 0.86
C ILE B 19 -2.65 -26.94 1.57
N ASP B 20 -3.56 -27.70 1.01
CA ASP B 20 -4.00 -29.00 1.58
C ASP B 20 -3.49 -30.12 0.68
N GLU B 21 -4.02 -30.24 -0.54
CA GLU B 21 -3.55 -31.24 -1.54
C GLU B 21 -2.68 -30.54 -2.60
N GLU B 22 -1.88 -31.33 -3.31
CA GLU B 22 -0.94 -30.88 -4.35
C GLU B 22 -1.64 -29.92 -5.31
N ARG B 23 -1.09 -28.72 -5.46
N ARG B 23 -1.08 -28.71 -5.45
CA ARG B 23 -1.48 -27.72 -6.49
CA ARG B 23 -1.48 -27.73 -6.50
C ARG B 23 -2.98 -27.48 -6.42
C ARG B 23 -2.97 -27.47 -6.42
N ASP B 24 -3.51 -27.26 -5.21
CA ASP B 24 -4.97 -27.01 -4.99
C ASP B 24 -5.28 -25.52 -5.12
N SER B 25 -4.27 -24.67 -5.34
CA SER B 25 -4.46 -23.22 -5.37
C SER B 25 -3.60 -22.56 -6.44
N LYS B 26 -4.00 -21.36 -6.82
CA LYS B 26 -3.25 -20.45 -7.71
C LYS B 26 -2.83 -19.23 -6.90
N LEU B 27 -1.54 -19.13 -6.58
CA LEU B 27 -0.97 -17.90 -5.97
C LEU B 27 -0.51 -16.99 -7.12
N THR B 28 -1.06 -15.78 -7.20
CA THR B 28 -0.49 -14.73 -8.10
C THR B 28 0.32 -13.78 -7.22
N LEU B 29 1.64 -13.85 -7.35
CA LEU B 29 2.58 -13.01 -6.58
C LEU B 29 3.56 -12.32 -7.55
N VAL B 30 3.59 -11.00 -7.50
CA VAL B 30 4.45 -10.16 -8.35
C VAL B 30 5.34 -9.33 -7.41
N LEU B 31 6.66 -9.51 -7.52
CA LEU B 31 7.67 -8.68 -6.82
C LEU B 31 8.33 -7.79 -7.87
N THR B 32 8.24 -6.49 -7.73
CA THR B 32 8.93 -5.54 -8.61
C THR B 32 9.94 -4.74 -7.78
N LYS B 33 11.19 -4.78 -8.21
CA LYS B 33 12.27 -4.01 -7.55
C LYS B 33 12.12 -2.53 -7.92
N CYS B 34 11.86 -1.70 -6.91
N CYS B 34 11.82 -1.68 -6.93
CA CYS B 34 11.97 -0.22 -6.94
CA CYS B 34 11.99 -0.18 -6.97
C CYS B 34 13.14 0.19 -6.02
C CYS B 34 13.15 0.19 -6.03
N GLY B 35 14.37 -0.10 -6.47
CA GLY B 35 15.61 0.13 -5.72
C GLY B 35 15.62 -0.58 -4.37
N SER B 36 15.66 0.18 -3.30
CA SER B 36 15.84 -0.31 -1.91
C SER B 36 14.55 -0.97 -1.40
N GLN B 37 13.41 -0.83 -2.10
CA GLN B 37 12.15 -1.53 -1.75
C GLN B 37 11.71 -2.47 -2.89
N ILE B 38 11.09 -3.57 -2.51
CA ILE B 38 10.29 -4.45 -3.37
C ILE B 38 8.84 -4.05 -3.19
N LEU B 39 8.17 -3.78 -4.29
CA LEU B 39 6.72 -3.53 -4.37
C LEU B 39 6.08 -4.86 -4.70
N ALA B 40 5.32 -5.42 -3.77
CA ALA B 40 4.75 -6.76 -3.82
C ALA B 40 3.24 -6.67 -4.00
N ASN B 41 2.70 -7.60 -4.77
CA ASN B 41 1.24 -7.69 -5.04
C ASN B 41 0.85 -9.18 -4.98
N VAL B 42 -0.17 -9.51 -4.23
CA VAL B 42 -0.49 -10.93 -3.95
C VAL B 42 -2.00 -11.14 -3.90
N SER B 43 -2.45 -12.19 -4.55
CA SER B 43 -3.84 -12.70 -4.54
C SER B 43 -3.77 -14.22 -4.55
N LEU B 44 -4.78 -14.88 -3.97
CA LEU B 44 -4.80 -16.35 -3.85
C LEU B 44 -6.20 -16.88 -4.14
N LEU B 45 -6.29 -17.74 -5.13
CA LEU B 45 -7.51 -18.49 -5.49
C LEU B 45 -7.26 -19.97 -5.20
N VAL B 46 -8.10 -20.56 -4.34
CA VAL B 46 -8.05 -22.00 -4.04
C VAL B 46 -9.06 -22.72 -4.95
N VAL B 47 -8.56 -23.58 -5.82
CA VAL B 47 -9.33 -24.14 -6.97
C VAL B 47 -9.95 -25.48 -6.57
N LYS B 48 -9.32 -26.24 -5.67
CA LYS B 48 -9.85 -27.56 -5.25
C LYS B 48 -9.49 -27.83 -3.79
N GLY B 49 -10.09 -28.89 -3.23
CA GLY B 49 -9.86 -29.32 -1.84
C GLY B 49 -10.50 -28.36 -0.85
N LYS B 50 -10.13 -28.51 0.41
CA LYS B 50 -10.86 -28.01 1.59
C LYS B 50 -11.23 -26.53 1.38
N PHE B 51 -10.28 -25.73 0.94
CA PHE B 51 -10.42 -24.26 0.98
C PHE B 51 -11.02 -23.74 -0.34
N SER B 52 -11.34 -24.63 -1.29
CA SER B 52 -12.19 -24.29 -2.47
C SER B 52 -13.65 -24.17 -2.03
N ASN B 53 -13.99 -24.72 -0.87
CA ASN B 53 -15.36 -24.67 -0.32
C ASN B 53 -15.27 -24.61 1.20
N ILE B 54 -14.94 -23.44 1.74
CA ILE B 54 -14.88 -23.27 3.20
C ILE B 54 -16.29 -23.43 3.74
N ASN B 55 -16.46 -24.24 4.79
CA ASN B 55 -17.73 -24.33 5.55
C ASN B 55 -17.40 -24.51 7.02
N ASN B 56 -17.57 -23.45 7.80
CA ASN B 56 -17.19 -23.40 9.22
C ASN B 56 -18.35 -23.86 10.09
N ASN B 57 -19.50 -24.23 9.50
CA ASN B 57 -20.53 -25.00 10.23
C ASN B 57 -20.06 -26.45 10.30
N THR B 58 -19.63 -27.01 9.18
CA THR B 58 -19.18 -28.43 9.09
C THR B 58 -17.74 -28.54 9.61
N ASN B 59 -16.90 -27.54 9.37
CA ASN B 59 -15.45 -27.55 9.67
C ASN B 59 -15.09 -26.26 10.41
N PRO B 60 -15.46 -26.14 11.70
CA PRO B 60 -15.24 -24.91 12.46
C PRO B 60 -13.76 -24.54 12.67
N THR B 61 -12.83 -25.50 12.51
CA THR B 61 -11.37 -25.24 12.70
C THR B 61 -10.72 -24.73 11.39
N ASP B 62 -11.43 -24.74 10.25
CA ASP B 62 -10.85 -24.33 8.92
C ASP B 62 -10.89 -22.82 8.77
N LYS B 63 -10.03 -22.10 9.46
CA LYS B 63 -10.09 -20.63 9.52
C LYS B 63 -8.72 -20.01 9.26
N LYS B 64 -7.79 -20.79 8.70
CA LYS B 64 -6.40 -20.35 8.46
C LYS B 64 -5.82 -21.04 7.22
N ILE B 65 -5.21 -20.23 6.35
CA ILE B 65 -4.38 -20.70 5.20
C ILE B 65 -2.98 -20.09 5.35
N THR B 66 -1.95 -20.93 5.27
CA THR B 66 -0.54 -20.48 5.32
C THR B 66 0.13 -20.87 4.01
N VAL B 67 0.67 -19.87 3.30
CA VAL B 67 1.50 -20.08 2.08
C VAL B 67 2.92 -19.64 2.42
N LYS B 68 3.90 -20.55 2.32
CA LYS B 68 5.30 -20.31 2.75
C LYS B 68 6.19 -20.31 1.52
N LEU B 69 6.90 -19.19 1.30
CA LEU B 69 8.03 -19.12 0.36
C LEU B 69 9.34 -19.13 1.14
N LEU B 70 10.15 -20.16 0.94
CA LEU B 70 11.46 -20.32 1.58
C LEU B 70 12.53 -20.16 0.48
N PHE B 71 13.55 -19.36 0.75
CA PHE B 71 14.65 -19.08 -0.20
C PHE B 71 15.98 -19.43 0.44
N ASN B 72 16.89 -19.94 -0.39
CA ASN B 72 18.30 -20.19 0.01
C ASN B 72 19.07 -18.88 -0.14
N GLU B 73 20.38 -18.93 0.07
CA GLU B 73 21.22 -17.72 0.21
C GLU B 73 21.37 -17.04 -1.16
N LYS B 74 20.97 -17.71 -2.25
CA LYS B 74 20.98 -17.12 -3.62
C LYS B 74 19.59 -16.58 -3.97
N GLY B 75 18.60 -16.74 -3.09
CA GLY B 75 17.22 -16.27 -3.30
C GLY B 75 16.43 -17.20 -4.20
N VAL B 76 16.90 -18.44 -4.36
CA VAL B 76 16.19 -19.52 -5.11
C VAL B 76 15.15 -20.14 -4.18
N LEU B 77 13.94 -20.34 -4.68
CA LEU B 77 12.80 -20.98 -3.97
C LEU B 77 13.16 -22.43 -3.62
N MET B 78 13.05 -22.81 -2.35
CA MET B 78 13.37 -24.18 -1.88
C MET B 78 12.11 -25.06 -2.06
N ASP B 79 12.29 -26.35 -2.28
CA ASP B 79 11.20 -27.31 -2.64
C ASP B 79 10.19 -27.41 -1.49
N SER B 80 10.61 -27.11 -0.26
CA SER B 80 9.74 -27.09 0.95
C SER B 80 8.75 -25.93 0.91
N SER B 81 8.89 -24.98 -0.01
CA SER B 81 7.91 -23.87 -0.20
C SER B 81 6.54 -24.45 -0.62
N SER B 82 5.46 -23.76 -0.23
CA SER B 82 4.06 -23.98 -0.70
C SER B 82 3.99 -23.75 -2.21
N LEU B 83 4.68 -22.72 -2.72
CA LEU B 83 4.71 -22.35 -4.15
C LEU B 83 5.63 -23.31 -4.92
N LYS B 84 5.21 -23.74 -6.10
CA LYS B 84 6.01 -24.59 -7.03
C LYS B 84 6.93 -23.72 -7.88
N LYS B 85 8.05 -24.29 -8.31
CA LYS B 85 9.23 -23.54 -8.79
C LYS B 85 9.11 -23.24 -10.29
N GLU B 86 8.37 -24.04 -11.06
CA GLU B 86 8.52 -24.10 -12.55
C GLU B 86 8.26 -22.72 -13.14
N TYR B 87 7.28 -21.97 -12.61
CA TYR B 87 6.88 -20.64 -13.16
C TYR B 87 6.98 -19.56 -12.06
N TRP B 88 7.92 -19.74 -11.14
CA TRP B 88 8.45 -18.66 -10.26
C TRP B 88 9.79 -18.20 -10.84
N ASN B 89 9.79 -17.09 -11.55
CA ASN B 89 10.99 -16.66 -12.30
C ASN B 89 10.83 -15.20 -12.67
N TYR B 90 11.92 -14.64 -13.15
CA TYR B 90 11.98 -13.31 -13.77
C TYR B 90 11.00 -13.28 -14.94
N ARG B 91 10.48 -12.10 -15.19
CA ARG B 91 9.48 -11.81 -16.24
C ARG B 91 10.12 -11.89 -17.61
N ASN B 92 9.50 -12.63 -18.53
CA ASN B 92 9.66 -12.44 -19.99
C ASN B 92 8.25 -12.35 -20.59
N ASP B 93 7.86 -11.16 -21.05
CA ASP B 93 6.48 -10.83 -21.51
C ASP B 93 5.48 -11.14 -20.36
N ASN B 94 4.45 -11.98 -20.58
CA ASN B 94 3.49 -12.40 -19.52
C ASN B 94 3.84 -13.80 -19.01
N SER B 95 5.07 -14.26 -19.24
CA SER B 95 5.56 -15.58 -18.79
C SER B 95 6.85 -15.41 -17.97
N THR B 96 7.73 -16.42 -17.99
CA THR B 96 9.01 -16.45 -17.24
C THR B 96 10.16 -16.62 -18.24
N VAL B 97 11.37 -16.24 -17.85
CA VAL B 97 12.60 -16.44 -18.68
C VAL B 97 12.77 -17.96 -18.92
N SER B 98 13.30 -18.33 -20.10
CA SER B 98 13.55 -19.75 -20.52
C SER B 98 13.83 -20.63 -19.29
N GLN B 99 15.01 -20.48 -18.68
CA GLN B 99 15.53 -21.40 -17.63
C GLN B 99 15.43 -20.75 -16.23
N ALA B 100 15.44 -21.60 -15.20
CA ALA B 100 15.40 -21.22 -13.77
C ALA B 100 16.47 -20.16 -13.50
N TYR B 101 16.15 -19.16 -12.68
CA TYR B 101 17.12 -18.12 -12.28
C TYR B 101 18.12 -18.72 -11.30
N ASP B 102 19.37 -18.23 -11.33
CA ASP B 102 20.45 -18.60 -10.38
C ASP B 102 20.41 -17.71 -9.13
N ASN B 103 20.00 -16.46 -9.26
CA ASN B 103 20.16 -15.44 -8.19
C ASN B 103 18.98 -14.44 -8.18
N ALA B 104 18.35 -14.26 -7.02
CA ALA B 104 17.33 -13.23 -6.79
C ALA B 104 17.55 -12.56 -5.44
N VAL B 105 18.79 -12.50 -4.98
CA VAL B 105 19.16 -11.87 -3.67
C VAL B 105 18.58 -10.45 -3.62
N PRO B 106 18.67 -9.63 -4.70
CA PRO B 106 18.12 -8.29 -4.67
C PRO B 106 16.60 -8.20 -4.48
N PHE B 107 15.88 -9.33 -4.49
CA PHE B 107 14.43 -9.39 -4.21
C PHE B 107 14.16 -9.96 -2.81
N MET B 108 15.20 -10.36 -2.08
CA MET B 108 14.99 -10.99 -0.76
C MET B 108 14.72 -9.90 0.28
N PRO B 109 13.95 -10.20 1.35
CA PRO B 109 13.80 -9.28 2.45
C PRO B 109 15.16 -8.98 3.12
N ASN B 110 15.45 -7.70 3.28
CA ASN B 110 16.72 -7.19 3.85
C ASN B 110 16.96 -7.85 5.22
N ILE B 111 18.13 -8.42 5.41
CA ILE B 111 18.50 -9.29 6.55
C ILE B 111 18.86 -8.42 7.75
N LYS B 112 19.11 -7.13 7.54
CA LYS B 112 19.32 -6.16 8.65
C LYS B 112 17.97 -5.70 9.18
N ALA B 113 17.04 -5.39 8.29
CA ALA B 113 15.67 -4.97 8.64
C ALA B 113 14.93 -6.15 9.27
N TYR B 114 15.11 -7.35 8.71
CA TYR B 114 14.36 -8.56 9.05
C TYR B 114 15.37 -9.70 9.30
N PRO B 115 16.18 -9.61 10.36
CA PRO B 115 17.15 -10.65 10.68
C PRO B 115 16.43 -11.95 10.99
N LYS B 116 17.11 -13.06 10.84
CA LYS B 116 16.55 -14.38 11.22
C LYS B 116 16.37 -14.34 12.72
N PRO B 117 15.17 -14.71 13.21
CA PRO B 117 14.90 -14.74 14.65
C PRO B 117 15.97 -15.50 15.43
N THR B 118 16.44 -14.91 16.52
CA THR B 118 17.33 -15.55 17.53
C THR B 118 16.55 -15.63 18.85
N THR B 119 16.92 -16.55 19.74
CA THR B 119 16.40 -16.63 21.13
C THR B 119 17.35 -15.83 22.05
N ASP B 120 17.37 -14.51 21.89
CA ASP B 120 18.15 -13.56 22.74
C ASP B 120 17.71 -13.69 24.20
N THR B 121 18.68 -13.78 25.13
CA THR B 121 18.45 -13.72 26.60
C THR B 121 18.81 -12.31 27.09
N SER B 122 17.98 -11.32 26.75
CA SER B 122 17.93 -9.98 27.39
C SER B 122 16.46 -9.61 27.61
N ALA B 123 16.07 -9.43 28.87
CA ALA B 123 14.72 -8.99 29.29
C ALA B 123 14.51 -7.52 28.93
N LYS B 124 15.60 -6.72 28.97
CA LYS B 124 15.61 -5.23 28.95
C LYS B 124 14.90 -4.72 27.70
N PRO B 125 13.73 -4.04 27.86
CA PRO B 125 12.93 -3.62 26.70
C PRO B 125 13.73 -2.79 25.67
N GLU B 126 14.84 -2.18 26.12
CA GLU B 126 15.76 -1.36 25.28
C GLU B 126 16.66 -2.26 24.41
N ASP B 127 16.83 -3.52 24.82
CA ASP B 127 17.63 -4.55 24.10
C ASP B 127 16.74 -5.32 23.13
N LYS B 128 15.44 -5.09 23.20
CA LYS B 128 14.44 -5.78 22.35
C LYS B 128 14.82 -5.58 20.89
N LYS B 129 14.85 -6.66 20.10
CA LYS B 129 14.75 -6.59 18.63
C LYS B 129 13.27 -6.55 18.29
N SER B 130 12.86 -5.71 17.33
CA SER B 130 11.46 -5.59 16.91
C SER B 130 10.92 -6.97 16.57
N ALA B 131 9.75 -7.31 17.11
CA ALA B 131 9.00 -8.52 16.74
C ALA B 131 8.08 -8.20 15.56
N ALA B 132 7.66 -6.94 15.41
CA ALA B 132 6.53 -6.54 14.54
C ALA B 132 7.02 -6.09 13.16
N LYS B 133 8.25 -5.57 13.07
CA LYS B 133 8.74 -4.85 11.87
C LYS B 133 8.72 -5.78 10.64
N ARG B 134 8.93 -7.09 10.85
CA ARG B 134 8.96 -8.12 9.79
C ARG B 134 7.54 -8.49 9.35
N TYR B 135 6.52 -7.96 10.02
CA TYR B 135 5.10 -8.25 9.72
C TYR B 135 4.53 -7.13 8.83
N ILE B 136 3.69 -7.54 7.88
CA ILE B 136 2.64 -6.69 7.30
C ILE B 136 1.32 -7.34 7.65
N VAL B 137 0.43 -6.60 8.32
CA VAL B 137 -0.90 -7.11 8.69
C VAL B 137 -1.97 -6.16 8.18
N SER B 138 -2.92 -6.69 7.41
CA SER B 138 -4.05 -5.90 6.88
C SER B 138 -5.26 -6.80 6.67
N ASN B 139 -6.22 -6.33 5.93
CA ASN B 139 -7.41 -7.10 5.55
C ASN B 139 -7.46 -7.22 4.04
N VAL B 140 -7.89 -8.39 3.59
CA VAL B 140 -8.37 -8.64 2.21
C VAL B 140 -9.78 -9.19 2.34
N TYR B 141 -10.47 -9.34 1.21
CA TYR B 141 -11.91 -9.60 1.18
C TYR B 141 -12.15 -10.70 0.15
N ILE B 142 -12.73 -11.80 0.58
CA ILE B 142 -13.05 -12.92 -0.35
C ILE B 142 -14.07 -12.42 -1.36
N GLY B 143 -13.80 -12.64 -2.65
CA GLY B 143 -14.69 -12.20 -3.73
C GLY B 143 -14.78 -10.68 -3.77
N GLY B 144 -13.92 -9.98 -3.03
CA GLY B 144 -13.96 -8.51 -2.90
C GLY B 144 -15.27 -8.05 -2.26
N LEU B 145 -15.94 -8.96 -1.55
CA LEU B 145 -17.16 -8.66 -0.76
C LEU B 145 -16.73 -8.04 0.56
N PRO B 146 -17.25 -6.85 0.92
CA PRO B 146 -16.74 -6.11 2.07
C PRO B 146 -17.04 -6.81 3.40
N ASP B 147 -18.04 -7.70 3.43
CA ASP B 147 -18.43 -8.45 4.66
C ASP B 147 -17.51 -9.67 4.84
N LYS B 148 -16.76 -10.10 3.83
CA LYS B 148 -16.02 -11.38 3.90
C LYS B 148 -14.59 -11.10 4.31
N THR B 149 -14.41 -10.55 5.50
CA THR B 149 -13.13 -10.02 6.00
C THR B 149 -12.18 -11.16 6.26
N VAL B 150 -10.97 -11.04 5.75
CA VAL B 150 -9.84 -11.95 6.05
C VAL B 150 -8.67 -11.07 6.52
N VAL B 151 -7.99 -11.50 7.56
CA VAL B 151 -6.70 -10.89 7.96
C VAL B 151 -5.60 -11.55 7.12
N ILE B 152 -4.80 -10.72 6.45
CA ILE B 152 -3.58 -11.16 5.77
C ILE B 152 -2.40 -10.77 6.67
N THR B 153 -1.58 -11.76 7.03
CA THR B 153 -0.35 -11.59 7.82
C THR B 153 0.80 -12.03 6.94
N ILE B 154 1.65 -11.08 6.57
CA ILE B 154 2.90 -11.40 5.82
C ILE B 154 4.05 -11.29 6.81
N LYS B 155 4.92 -12.29 6.84
CA LYS B 155 6.11 -12.30 7.72
C LYS B 155 7.36 -12.56 6.90
N LEU B 156 8.40 -11.80 7.14
CA LEU B 156 9.65 -11.85 6.35
C LEU B 156 10.75 -12.44 7.19
N ASN B 157 11.45 -13.45 6.64
CA ASN B 157 12.70 -14.03 7.20
C ASN B 157 12.46 -14.62 8.59
N ALA B 158 11.26 -15.12 8.86
CA ALA B 158 10.90 -15.73 10.16
C ALA B 158 11.11 -17.24 10.14
N GLU B 159 11.21 -17.85 8.96
CA GLU B 159 11.36 -19.33 8.81
C GLU B 159 12.79 -19.74 9.15
N THR B 160 12.93 -20.72 10.02
CA THR B 160 14.23 -21.17 10.57
C THR B 160 15.05 -21.90 9.49
N GLU B 161 14.42 -22.69 8.62
CA GLU B 161 15.16 -23.68 7.80
C GLU B 161 15.60 -23.05 6.46
N SER B 162 15.56 -21.73 6.33
CA SER B 162 15.83 -21.00 5.06
C SER B 162 16.69 -19.78 5.33
N ALA B 163 17.41 -19.29 4.33
CA ALA B 163 18.21 -18.04 4.40
C ALA B 163 17.27 -16.85 4.45
N TYR B 164 16.22 -16.89 3.64
CA TYR B 164 15.14 -15.86 3.56
C TYR B 164 13.79 -16.55 3.46
N SER B 165 12.74 -15.85 3.83
CA SER B 165 11.37 -16.38 3.73
C SER B 165 10.37 -15.24 3.65
N MET B 166 9.23 -15.55 3.06
CA MET B 166 8.07 -14.67 2.94
C MET B 166 6.87 -15.59 3.11
N THR B 167 6.15 -15.45 4.21
CA THR B 167 4.94 -16.30 4.47
C THR B 167 3.70 -15.44 4.43
N PHE B 168 2.64 -15.99 3.84
CA PHE B 168 1.30 -15.37 3.78
C PHE B 168 0.33 -16.20 4.61
N GLU B 169 -0.20 -15.59 5.65
CA GLU B 169 -1.22 -16.22 6.51
C GLU B 169 -2.54 -15.48 6.32
N PHE B 170 -3.55 -16.18 5.84
CA PHE B 170 -4.94 -15.72 5.73
C PHE B 170 -5.77 -16.35 6.84
N THR B 171 -6.42 -15.53 7.66
CA THR B 171 -7.27 -15.96 8.79
C THR B 171 -8.59 -15.20 8.76
N TRP B 172 -9.63 -15.80 9.29
CA TRP B 172 -10.95 -15.16 9.41
C TRP B 172 -11.59 -15.63 10.70
N ALA B 173 -12.37 -14.75 11.28
CA ALA B 173 -13.10 -14.98 12.53
C ALA B 173 -14.53 -15.39 12.18
N LYS B 174 -15.08 -14.87 11.09
CA LYS B 174 -16.48 -15.11 10.68
C LYS B 174 -16.67 -16.56 10.30
N THR B 175 -17.90 -17.04 10.40
CA THR B 175 -18.31 -18.39 9.97
C THR B 175 -18.69 -18.34 8.49
N PHE B 176 -17.78 -18.75 7.61
CA PHE B 176 -17.99 -18.80 6.15
C PHE B 176 -18.71 -20.09 5.82
N GLU B 177 -19.57 -20.01 4.83
CA GLU B 177 -20.51 -21.09 4.48
C GLU B 177 -20.47 -21.31 2.97
N ASN B 178 -19.82 -22.40 2.55
CA ASN B 178 -19.71 -22.84 1.14
C ASN B 178 -19.09 -21.71 0.32
N LEU B 179 -17.93 -21.25 0.74
CA LEU B 179 -17.26 -20.04 0.19
C LEU B 179 -15.88 -20.44 -0.33
N GLN B 180 -15.66 -20.23 -1.62
CA GLN B 180 -14.34 -20.49 -2.24
C GLN B 180 -13.36 -19.43 -1.76
N PHE B 181 -12.22 -19.83 -1.20
CA PHE B 181 -11.17 -18.86 -0.84
C PHE B 181 -10.68 -18.19 -2.14
N ASP B 182 -10.87 -16.88 -2.22
CA ASP B 182 -10.55 -16.05 -3.40
C ASP B 182 -10.31 -14.62 -2.90
N SER B 183 -9.05 -14.24 -2.66
CA SER B 183 -8.68 -13.00 -1.95
C SER B 183 -8.61 -11.82 -2.93
N SER B 184 -9.20 -10.70 -2.55
CA SER B 184 -8.93 -9.40 -3.21
C SER B 184 -7.42 -9.19 -3.12
N SER B 185 -6.85 -8.48 -4.11
CA SER B 185 -5.41 -8.25 -4.26
C SER B 185 -4.91 -7.32 -3.16
N PHE B 186 -3.72 -7.60 -2.68
CA PHE B 186 -3.07 -6.82 -1.62
C PHE B 186 -1.71 -6.37 -2.11
N THR B 187 -1.43 -5.07 -1.98
CA THR B 187 -0.10 -4.47 -2.26
C THR B 187 0.62 -4.13 -0.95
N PHE B 188 1.89 -4.49 -0.87
CA PHE B 188 2.78 -4.06 0.21
C PHE B 188 4.17 -3.82 -0.36
N SER B 189 5.07 -3.39 0.49
CA SER B 189 6.49 -3.27 0.16
C SER B 189 7.31 -3.76 1.34
N TYR B 190 8.57 -4.06 1.08
CA TYR B 190 9.55 -4.41 2.11
C TYR B 190 10.90 -3.90 1.65
N ILE B 191 11.81 -3.74 2.61
CA ILE B 191 13.22 -3.32 2.37
C ILE B 191 13.96 -4.50 1.72
N ALA B 192 14.65 -4.23 0.61
CA ALA B 192 15.33 -5.24 -0.21
C ALA B 192 16.75 -5.45 0.32
N GLN B 193 17.19 -6.71 0.34
CA GLN B 193 18.59 -7.14 0.40
C GLN B 193 19.28 -6.60 -0.86
N GLU B 194 20.61 -6.52 -0.86
CA GLU B 194 21.42 -6.41 -2.13
C GLU B 194 22.49 -7.51 -2.14
N ASN B 195 23.11 -7.70 -3.31
CA ASN B 195 24.38 -8.48 -3.49
C ASN B 195 25.47 -7.88 -2.59
N HIS C 1 28.38 2.55 -4.55
CA HIS C 1 27.64 2.06 -3.34
C HIS C 1 26.46 3.02 -3.01
N ASP C 2 26.54 4.26 -3.51
CA ASP C 2 25.89 5.50 -3.00
C ASP C 2 24.60 5.80 -3.81
N ASP C 3 23.47 6.07 -3.12
CA ASP C 3 22.11 5.88 -3.70
C ASP C 3 21.19 7.06 -3.31
N ARG C 4 21.01 8.00 -4.24
CA ARG C 4 20.19 9.22 -4.08
C ARG C 4 18.70 8.94 -4.39
N ARG C 5 18.35 7.68 -4.68
N ARG C 5 18.30 7.71 -4.67
CA ARG C 5 16.95 7.22 -4.92
CA ARG C 5 16.86 7.39 -4.85
C ARG C 5 16.38 6.64 -3.62
C ARG C 5 16.38 6.60 -3.62
N THR C 6 17.18 6.51 -2.56
CA THR C 6 16.74 6.09 -1.21
C THR C 6 17.18 7.12 -0.15
N LEU C 7 16.21 7.67 0.58
CA LEU C 7 16.40 8.49 1.78
C LEU C 7 15.87 7.69 2.96
N TRP C 8 16.73 7.29 3.91
CA TRP C 8 16.24 6.40 4.98
C TRP C 8 16.92 6.71 6.33
N THR C 9 16.30 6.21 7.40
CA THR C 9 16.98 5.94 8.68
C THR C 9 18.04 4.97 8.21
N THR C 10 18.58 4.12 8.96
CA THR C 10 19.13 2.93 8.23
C THR C 10 18.02 1.88 8.28
N PRO C 11 18.18 0.67 7.71
CA PRO C 11 17.21 -0.41 7.95
C PRO C 11 17.25 -0.98 9.38
N ASP C 12 18.33 -0.75 10.11
CA ASP C 12 18.50 -1.22 11.51
C ASP C 12 19.04 -0.09 12.37
N PRO C 13 18.27 0.97 12.61
CA PRO C 13 18.78 2.15 13.30
C PRO C 13 19.02 1.90 14.79
N SER C 14 19.98 2.62 15.36
CA SER C 14 20.12 2.90 16.80
C SER C 14 19.02 3.85 17.22
N PRO C 15 18.72 3.99 18.53
CA PRO C 15 17.63 4.85 18.96
C PRO C 15 17.84 6.21 18.30
N ASN C 16 16.84 6.68 17.56
CA ASN C 16 16.97 7.82 16.60
C ASN C 16 15.76 8.73 16.68
N CYS C 17 14.91 8.56 17.70
CA CYS C 17 13.56 9.16 17.71
C CYS C 17 13.09 9.44 19.12
N THR C 18 12.60 10.66 19.38
CA THR C 18 12.13 11.17 20.68
C THR C 18 10.60 11.26 20.69
N ILE C 19 9.93 10.40 21.44
CA ILE C 19 8.46 10.49 21.68
C ILE C 19 8.22 11.14 23.05
N ASP C 20 8.74 10.54 24.11
CA ASP C 20 8.56 11.00 25.50
C ASP C 20 9.90 11.59 25.98
N GLU C 21 10.92 10.74 26.14
CA GLU C 21 12.30 11.15 26.50
C GLU C 21 13.22 11.01 25.28
N GLU C 22 14.39 11.66 25.34
CA GLU C 22 15.38 11.73 24.25
C GLU C 22 15.70 10.32 23.75
N ARG C 23 15.54 10.08 22.45
CA ARG C 23 15.99 8.85 21.74
C ARG C 23 15.41 7.62 22.45
N ASP C 24 14.11 7.64 22.77
CA ASP C 24 13.43 6.53 23.46
C ASP C 24 12.90 5.51 22.43
N SER C 25 13.05 5.79 21.14
CA SER C 25 12.45 4.95 20.07
C SER C 25 13.38 4.79 18.88
N LYS C 26 13.12 3.74 18.10
CA LYS C 26 13.77 3.47 16.81
C LYS C 26 12.72 3.59 15.71
N LEU C 27 12.77 4.67 14.93
CA LEU C 27 11.93 4.80 13.73
C LEU C 27 12.70 4.20 12.57
N THR C 28 12.15 3.17 11.91
CA THR C 28 12.69 2.69 10.62
C THR C 28 11.82 3.23 9.51
N LEU C 29 12.36 4.20 8.77
CA LEU C 29 11.63 4.89 7.70
C LEU C 29 12.49 4.86 6.44
N VAL C 30 11.95 4.26 5.39
CA VAL C 30 12.59 4.20 4.06
C VAL C 30 11.70 4.93 3.08
N LEU C 31 12.24 5.97 2.43
CA LEU C 31 11.62 6.66 1.28
C LEU C 31 12.39 6.26 0.03
N THR C 32 11.73 5.61 -0.91
CA THR C 32 12.27 5.23 -2.20
C THR C 32 11.57 6.06 -3.29
N LYS C 33 12.31 6.84 -4.03
CA LYS C 33 11.78 7.63 -5.15
C LYS C 33 11.49 6.68 -6.31
N CYS C 34 10.20 6.58 -6.68
N CYS C 34 10.21 6.61 -6.70
CA CYS C 34 9.71 5.99 -7.94
CA CYS C 34 9.74 5.96 -7.94
C CYS C 34 9.12 7.12 -8.78
C CYS C 34 9.12 7.07 -8.80
N GLY C 35 9.98 7.96 -9.33
CA GLY C 35 9.60 9.15 -10.13
C GLY C 35 8.72 10.13 -9.37
N SER C 36 7.53 10.32 -9.86
CA SER C 36 6.58 11.33 -9.35
C SER C 36 5.97 10.87 -7.98
N GLN C 37 6.18 9.61 -7.55
CA GLN C 37 5.76 9.15 -6.20
C GLN C 37 6.97 8.74 -5.35
N ILE C 38 6.88 8.99 -4.07
CA ILE C 38 7.72 8.35 -3.04
C ILE C 38 6.97 7.16 -2.48
N LEU C 39 7.62 6.00 -2.52
CA LEU C 39 7.17 4.76 -1.86
C LEU C 39 7.79 4.73 -0.46
N ALA C 40 6.96 4.85 0.56
CA ALA C 40 7.36 4.99 1.96
C ALA C 40 7.03 3.71 2.71
N ASN C 41 7.95 3.29 3.58
CA ASN C 41 7.79 2.15 4.49
C ASN C 41 8.23 2.58 5.90
N VAL C 42 7.39 2.31 6.89
CA VAL C 42 7.61 2.84 8.25
C VAL C 42 7.22 1.80 9.27
N SER C 43 8.07 1.65 10.29
CA SER C 43 7.84 0.86 11.50
C SER C 43 8.44 1.62 12.67
N LEU C 44 7.94 1.39 13.89
CA LEU C 44 8.38 2.13 15.08
C LEU C 44 8.44 1.16 16.26
N LEU C 45 9.62 1.06 16.86
CA LEU C 45 9.86 0.31 18.10
C LEU C 45 10.25 1.32 19.18
N VAL C 46 9.50 1.35 20.27
CA VAL C 46 9.81 2.23 21.43
C VAL C 46 10.58 1.41 22.45
N VAL C 47 11.83 1.78 22.69
CA VAL C 47 12.81 0.95 23.44
C VAL C 47 12.83 1.35 24.92
N LYS C 48 12.53 2.61 25.26
CA LYS C 48 12.51 3.05 26.68
C LYS C 48 11.42 4.12 26.91
N GLY C 49 11.17 4.45 28.17
CA GLY C 49 10.17 5.45 28.59
C GLY C 49 8.75 4.93 28.41
N LYS C 50 7.79 5.84 28.49
CA LYS C 50 6.35 5.54 28.75
C LYS C 50 5.87 4.46 27.77
N PHE C 51 6.22 4.60 26.50
CA PHE C 51 5.58 3.81 25.41
C PHE C 51 6.40 2.54 25.15
N SER C 52 7.49 2.31 25.89
CA SER C 52 8.18 0.99 25.93
C SER C 52 7.36 0.01 26.77
N ASN C 53 6.42 0.51 27.56
CA ASN C 53 5.53 -0.31 28.41
C ASN C 53 4.20 0.43 28.56
N ILE C 54 3.37 0.41 27.52
CA ILE C 54 2.01 1.02 27.59
C ILE C 54 1.21 0.26 28.67
N ASN C 55 0.57 0.98 29.58
CA ASN C 55 -0.39 0.39 30.56
C ASN C 55 -1.56 1.35 30.74
N ASN C 56 -2.67 1.04 30.10
CA ASN C 56 -3.87 1.90 30.07
C ASN C 56 -4.79 1.55 31.25
N ASN C 57 -4.41 0.62 32.12
CA ASN C 57 -5.02 0.45 33.47
C ASN C 57 -4.49 1.57 34.37
N THR C 58 -3.18 1.75 34.38
CA THR C 58 -2.50 2.78 35.21
C THR C 58 -2.60 4.14 34.52
N ASN C 59 -2.51 4.17 33.18
CA ASN C 59 -2.37 5.42 32.38
C ASN C 59 -3.38 5.38 31.24
N PRO C 60 -4.69 5.56 31.51
CA PRO C 60 -5.70 5.44 30.47
C PRO C 60 -5.61 6.54 29.39
N THR C 61 -4.87 7.62 29.62
CA THR C 61 -4.71 8.74 28.65
C THR C 61 -3.54 8.47 27.70
N ASP C 62 -2.73 7.43 27.93
CA ASP C 62 -1.59 7.07 27.05
C ASP C 62 -2.09 6.26 25.86
N LYS C 63 -2.74 6.91 24.91
CA LYS C 63 -3.34 6.21 23.75
C LYS C 63 -2.94 6.89 22.44
N LYS C 64 -1.86 7.70 22.45
CA LYS C 64 -1.41 8.44 21.24
C LYS C 64 0.11 8.64 21.25
N ILE C 65 0.73 8.36 20.11
CA ILE C 65 2.16 8.64 19.81
C ILE C 65 2.20 9.51 18.56
N THR C 66 2.93 10.61 18.59
CA THR C 66 3.10 11.51 17.43
C THR C 66 4.60 11.62 17.13
N VAL C 67 4.99 11.22 15.93
CA VAL C 67 6.39 11.37 15.42
C VAL C 67 6.34 12.38 14.27
N LYS C 68 7.03 13.50 14.44
CA LYS C 68 7.04 14.63 13.47
C LYS C 68 8.39 14.67 12.77
N LEU C 69 8.36 14.64 11.44
CA LEU C 69 9.50 15.05 10.59
C LEU C 69 9.18 16.43 9.99
N LEU C 70 9.97 17.42 10.32
CA LEU C 70 9.87 18.78 9.74
C LEU C 70 11.07 19.00 8.84
N PHE C 71 10.83 19.53 7.65
CA PHE C 71 11.89 19.82 6.65
C PHE C 71 11.84 21.29 6.25
N ASN C 72 13.03 21.84 6.00
CA ASN C 72 13.17 23.23 5.50
C ASN C 72 13.01 23.17 3.97
N GLU C 73 13.22 24.31 3.31
CA GLU C 73 12.90 24.48 1.87
C GLU C 73 13.86 23.63 1.02
N LYS C 74 14.94 23.13 1.59
CA LYS C 74 15.94 22.25 0.93
C LYS C 74 15.66 20.77 1.25
N GLY C 75 14.67 20.50 2.07
CA GLY C 75 14.28 19.13 2.46
C GLY C 75 15.20 18.54 3.53
N VAL C 76 15.97 19.38 4.19
CA VAL C 76 16.83 19.04 5.35
C VAL C 76 15.94 18.93 6.60
N LEU C 77 16.11 17.87 7.36
CA LEU C 77 15.38 17.60 8.63
C LEU C 77 15.73 18.70 9.65
N MET C 78 14.73 19.37 10.22
CA MET C 78 14.91 20.46 11.21
C MET C 78 15.04 19.82 12.61
N ASP C 79 15.81 20.45 13.50
CA ASP C 79 16.22 19.86 14.82
C ASP C 79 15.00 19.63 15.70
N SER C 80 13.91 20.37 15.46
CA SER C 80 12.63 20.25 16.19
C SER C 80 11.92 18.93 15.82
N SER C 81 12.35 18.23 14.77
CA SER C 81 11.78 16.91 14.38
C SER C 81 11.96 15.92 15.53
N SER C 82 11.03 14.96 15.64
CA SER C 82 11.11 13.78 16.53
C SER C 82 12.31 12.92 16.12
N LEU C 83 12.51 12.75 14.82
CA LEU C 83 13.64 11.97 14.25
C LEU C 83 14.94 12.77 14.35
N LYS C 84 16.04 12.12 14.73
CA LYS C 84 17.39 12.74 14.85
C LYS C 84 18.12 12.60 13.52
N LYS C 85 19.06 13.50 13.26
CA LYS C 85 19.58 13.77 11.90
C LYS C 85 20.76 12.87 11.57
N GLU C 86 21.47 12.33 12.57
CA GLU C 86 22.81 11.70 12.38
C GLU C 86 22.75 10.60 11.31
N TYR C 87 21.70 9.77 11.29
CA TYR C 87 21.56 8.63 10.34
C TYR C 87 20.25 8.73 9.58
N TRP C 88 19.81 9.96 9.31
CA TRP C 88 18.77 10.27 8.29
C TRP C 88 19.49 10.80 7.06
N ASN C 89 19.65 9.97 6.04
CA ASN C 89 20.47 10.35 4.87
C ASN C 89 20.17 9.41 3.72
N TYR C 90 20.70 9.76 2.56
CA TYR C 90 20.76 8.91 1.37
C TYR C 90 21.47 7.61 1.72
N ARG C 91 21.09 6.55 1.02
CA ARG C 91 21.60 5.17 1.23
C ARG C 91 23.03 5.07 0.73
N ASN C 92 23.91 4.51 1.55
CA ASN C 92 25.18 3.87 1.09
C ASN C 92 25.21 2.47 1.70
N ASP C 93 25.02 1.42 0.88
CA ASP C 93 24.94 -0.01 1.33
C ASP C 93 23.75 -0.12 2.31
N ASN C 94 23.95 -0.62 3.54
CA ASN C 94 22.90 -0.68 4.61
C ASN C 94 23.10 0.47 5.61
N SER C 95 23.88 1.49 5.24
CA SER C 95 24.13 2.68 6.09
C SER C 95 23.70 3.98 5.37
N THR C 96 24.33 5.10 5.71
CA THR C 96 24.07 6.43 5.12
C THR C 96 25.34 6.96 4.45
N VAL C 97 25.19 7.89 3.51
CA VAL C 97 26.33 8.58 2.83
C VAL C 97 27.17 9.26 3.93
N SER C 98 28.50 9.30 3.74
CA SER C 98 29.48 9.93 4.67
C SER C 98 28.83 11.15 5.34
N GLN C 99 28.63 12.22 4.54
CA GLN C 99 28.27 13.57 5.06
C GLN C 99 26.78 13.85 4.84
N ALA C 100 26.25 14.73 5.68
CA ALA C 100 24.85 15.23 5.67
C ALA C 100 24.49 15.64 4.26
N TYR C 101 23.29 15.31 3.79
CA TYR C 101 22.76 15.81 2.50
C TYR C 101 22.42 17.29 2.67
N ASP C 102 22.59 18.09 1.61
CA ASP C 102 22.18 19.52 1.61
C ASP C 102 20.84 19.68 0.90
N ASN C 103 20.34 18.66 0.18
CA ASN C 103 19.09 18.77 -0.63
C ASN C 103 18.38 17.41 -0.75
N ALA C 104 17.10 17.37 -0.35
CA ALA C 104 16.21 16.21 -0.55
C ALA C 104 14.82 16.69 -0.97
N VAL C 105 14.77 17.80 -1.70
CA VAL C 105 13.49 18.38 -2.22
C VAL C 105 12.74 17.30 -3.01
N PRO C 106 13.40 16.47 -3.85
CA PRO C 106 12.68 15.45 -4.61
C PRO C 106 12.03 14.33 -3.77
N PHE C 107 12.27 14.31 -2.46
CA PHE C 107 11.59 13.38 -1.52
C PHE C 107 10.52 14.10 -0.70
N MET C 108 10.36 15.40 -0.89
CA MET C 108 9.37 16.17 -0.08
C MET C 108 7.97 15.93 -0.63
N PRO C 109 6.92 15.95 0.23
CA PRO C 109 5.54 15.90 -0.26
C PRO C 109 5.26 17.10 -1.18
N ASN C 110 4.72 16.80 -2.36
CA ASN C 110 4.41 17.79 -3.42
C ASN C 110 3.56 18.92 -2.82
N ILE C 111 3.98 20.17 -2.98
CA ILE C 111 3.43 21.37 -2.30
C ILE C 111 2.16 21.81 -3.05
N LYS C 112 1.95 21.33 -4.28
CA LYS C 112 0.69 21.56 -5.03
C LYS C 112 -0.37 20.57 -4.54
N ALA C 113 0.01 19.30 -4.42
CA ALA C 113 -0.87 18.22 -3.91
C ALA C 113 -1.21 18.50 -2.44
N TYR C 114 -0.22 18.94 -1.66
CA TYR C 114 -0.32 19.08 -0.19
C TYR C 114 0.21 20.44 0.22
N PRO C 115 -0.49 21.53 -0.17
CA PRO C 115 -0.07 22.88 0.15
C PRO C 115 -0.09 23.05 1.67
N LYS C 116 0.67 24.01 2.17
CA LYS C 116 0.67 24.35 3.60
C LYS C 116 -0.71 24.89 3.90
N PRO C 117 -1.37 24.37 4.96
CA PRO C 117 -2.66 24.90 5.38
C PRO C 117 -2.62 26.43 5.56
N THR C 118 -3.63 27.12 5.04
CA THR C 118 -3.80 28.59 5.18
C THR C 118 -5.01 28.87 6.06
N THR C 119 -5.07 30.07 6.65
CA THR C 119 -6.20 30.57 7.47
C THR C 119 -7.17 31.36 6.55
N ASP C 120 -7.68 30.71 5.50
CA ASP C 120 -8.75 31.24 4.61
C ASP C 120 -9.97 30.31 4.70
N THR C 121 -11.12 30.82 5.13
CA THR C 121 -12.46 30.17 4.94
C THR C 121 -13.33 31.07 4.05
N SER C 122 -12.72 32.14 3.51
CA SER C 122 -13.41 33.20 2.73
C SER C 122 -13.59 32.75 1.28
N ALA C 123 -12.99 31.61 0.90
CA ALA C 123 -13.03 31.03 -0.46
C ALA C 123 -14.50 30.80 -0.89
N LYS C 124 -14.75 30.90 -2.22
CA LYS C 124 -15.88 30.22 -2.91
C LYS C 124 -15.93 28.76 -2.44
N PRO C 125 -17.02 28.31 -1.78
CA PRO C 125 -17.05 26.98 -1.16
C PRO C 125 -16.63 25.83 -2.10
N GLU C 126 -16.72 26.02 -3.43
CA GLU C 126 -16.30 25.01 -4.44
C GLU C 126 -14.77 25.06 -4.65
N ASP C 127 -14.13 26.16 -4.26
CA ASP C 127 -12.64 26.38 -4.31
C ASP C 127 -12.01 25.93 -2.98
N LYS C 128 -12.84 25.53 -2.02
CA LYS C 128 -12.45 24.90 -0.74
C LYS C 128 -11.44 23.79 -1.05
N LYS C 129 -10.33 23.79 -0.32
CA LYS C 129 -9.17 22.90 -0.58
C LYS C 129 -9.41 21.60 0.19
N SER C 130 -9.00 20.45 -0.35
CA SER C 130 -9.14 19.15 0.38
C SER C 130 -8.46 19.28 1.74
N ALA C 131 -9.15 18.85 2.79
CA ALA C 131 -8.56 18.63 4.13
C ALA C 131 -7.95 17.24 4.23
N ALA C 132 -8.43 16.26 3.44
CA ALA C 132 -8.17 14.81 3.67
C ALA C 132 -7.00 14.31 2.80
N LYS C 133 -6.75 14.95 1.68
CA LYS C 133 -5.84 14.47 0.61
C LYS C 133 -4.43 14.29 1.17
N ARG C 134 -4.05 15.10 2.16
CA ARG C 134 -2.70 15.09 2.78
C ARG C 134 -2.61 13.97 3.83
N TYR C 135 -3.71 13.26 4.08
CA TYR C 135 -3.77 12.19 5.09
C TYR C 135 -3.60 10.82 4.40
N ILE C 136 -2.87 9.95 5.06
CA ILE C 136 -3.00 8.50 4.89
C ILE C 136 -3.44 7.95 6.25
N VAL C 137 -4.54 7.21 6.28
CA VAL C 137 -5.04 6.58 7.53
C VAL C 137 -5.27 5.10 7.30
N SER C 138 -4.76 4.27 8.19
CA SER C 138 -4.90 2.80 8.12
C SER C 138 -4.66 2.21 9.51
N ASN C 139 -4.48 0.92 9.57
CA ASN C 139 -4.20 0.19 10.82
C ASN C 139 -2.85 -0.48 10.70
N VAL C 140 -2.11 -0.47 11.80
CA VAL C 140 -0.95 -1.37 12.05
C VAL C 140 -1.27 -2.13 13.34
N TYR C 141 -0.45 -3.12 13.65
CA TYR C 141 -0.71 -4.10 14.72
C TYR C 141 0.56 -4.22 15.55
N ILE C 142 0.45 -3.93 16.84
CA ILE C 142 1.59 -4.09 17.77
C ILE C 142 1.98 -5.58 17.82
N GLY C 143 3.26 -5.87 17.68
CA GLY C 143 3.78 -7.26 17.66
C GLY C 143 3.25 -8.03 16.46
N GLY C 144 2.61 -7.35 15.50
CA GLY C 144 1.90 -8.00 14.38
C GLY C 144 0.74 -8.86 14.87
N LEU C 145 0.28 -8.66 16.11
CA LEU C 145 -0.85 -9.40 16.73
C LEU C 145 -2.15 -8.76 16.21
N PRO C 146 -3.08 -9.56 15.64
CA PRO C 146 -4.23 -9.01 14.95
C PRO C 146 -5.21 -8.30 15.91
N ASP C 147 -5.18 -8.63 17.21
CA ASP C 147 -6.06 -8.01 18.23
C ASP C 147 -5.49 -6.64 18.69
N LYS C 148 -4.23 -6.34 18.42
CA LYS C 148 -3.58 -5.14 18.99
C LYS C 148 -3.61 -4.02 17.96
N THR C 149 -4.82 -3.61 17.59
CA THR C 149 -5.09 -2.64 16.51
C THR C 149 -4.61 -1.27 16.92
N VAL C 150 -3.90 -0.62 16.02
CA VAL C 150 -3.48 0.79 16.15
C VAL C 150 -3.88 1.51 14.86
N VAL C 151 -4.46 2.69 14.97
CA VAL C 151 -4.67 3.57 13.81
C VAL C 151 -3.35 4.31 13.55
N ILE C 152 -2.87 4.23 12.33
CA ILE C 152 -1.76 5.09 11.85
C ILE C 152 -2.36 6.22 11.01
N THR C 153 -2.06 7.46 11.38
CA THR C 153 -2.45 8.67 10.63
C THR C 153 -1.16 9.34 10.17
N ILE C 154 -0.92 9.40 8.88
CA ILE C 154 0.19 10.18 8.30
C ILE C 154 -0.38 11.46 7.71
N LYS C 155 0.25 12.59 8.02
CA LYS C 155 -0.14 13.90 7.48
C LYS C 155 1.07 14.55 6.81
N LEU C 156 0.87 15.08 5.62
CA LEU C 156 1.93 15.72 4.81
C LEU C 156 1.73 17.23 4.79
N ASN C 157 2.81 17.98 5.11
CA ASN C 157 2.92 19.44 4.93
C ASN C 157 1.87 20.19 5.75
N ALA C 158 1.44 19.62 6.90
CA ALA C 158 0.42 20.20 7.79
C ALA C 158 1.07 21.05 8.87
N GLU C 159 2.36 20.85 9.17
CA GLU C 159 3.10 21.57 10.24
C GLU C 159 3.37 23.01 9.79
N THR C 160 3.00 23.98 10.62
CA THR C 160 3.12 25.43 10.28
C THR C 160 4.60 25.86 10.27
N GLU C 161 5.44 25.27 11.13
CA GLU C 161 6.80 25.79 11.46
C GLU C 161 7.84 25.39 10.39
N SER C 162 7.44 24.71 9.32
CA SER C 162 8.35 24.01 8.37
C SER C 162 7.90 24.24 6.93
N ALA C 163 8.79 24.12 5.96
CA ALA C 163 8.47 24.22 4.52
C ALA C 163 7.71 22.96 4.11
N TYR C 164 8.13 21.80 4.59
CA TYR C 164 7.50 20.48 4.38
C TYR C 164 7.46 19.70 5.69
N SER C 165 6.59 18.73 5.79
CA SER C 165 6.44 17.91 7.02
C SER C 165 5.77 16.59 6.71
N MET C 166 6.10 15.59 7.52
CA MET C 166 5.56 14.24 7.44
C MET C 166 5.38 13.80 8.89
N THR C 167 4.16 13.64 9.34
CA THR C 167 3.83 13.34 10.76
C THR C 167 3.18 11.96 10.83
N PHE C 168 3.59 11.16 11.78
CA PHE C 168 3.03 9.82 12.04
C PHE C 168 2.34 9.85 13.40
N GLU C 169 1.06 9.61 13.40
CA GLU C 169 0.24 9.56 14.62
C GLU C 169 -0.28 8.15 14.79
N PHE C 170 0.08 7.51 15.89
CA PHE C 170 -0.38 6.17 16.28
C PHE C 170 -1.37 6.33 17.43
N THR C 171 -2.58 5.83 17.27
CA THR C 171 -3.65 5.90 18.30
C THR C 171 -4.30 4.52 18.45
N TRP C 172 -4.86 4.25 19.62
CA TRP C 172 -5.58 3.01 19.90
C TRP C 172 -6.72 3.35 20.84
N ALA C 173 -7.80 2.60 20.75
CA ALA C 173 -8.98 2.72 21.64
C ALA C 173 -8.91 1.62 22.72
N LYS C 174 -8.25 0.50 22.41
CA LYS C 174 -8.21 -0.66 23.35
C LYS C 174 -7.33 -0.31 24.54
N THR C 175 -7.53 -1.02 25.64
N THR C 175 -7.58 -0.97 25.65
CA THR C 175 -6.74 -0.89 26.88
CA THR C 175 -6.76 -0.90 26.87
C THR C 175 -5.58 -1.89 26.81
C THR C 175 -5.60 -1.90 26.70
N PHE C 176 -4.39 -1.40 26.44
CA PHE C 176 -3.14 -2.19 26.38
C PHE C 176 -2.53 -2.27 27.76
N GLU C 177 -1.91 -3.40 28.05
CA GLU C 177 -1.48 -3.77 29.40
C GLU C 177 -0.03 -4.28 29.35
N ASN C 178 0.91 -3.43 29.76
CA ASN C 178 2.36 -3.73 29.82
C ASN C 178 2.85 -4.16 28.43
N LEU C 179 2.60 -3.32 27.42
CA LEU C 179 2.78 -3.67 26.00
C LEU C 179 3.75 -2.66 25.41
N GLN C 180 4.88 -3.17 24.90
CA GLN C 180 5.91 -2.36 24.24
C GLN C 180 5.35 -1.92 22.89
N PHE C 181 5.35 -0.63 22.62
CA PHE C 181 4.93 -0.13 21.30
C PHE C 181 5.91 -0.66 20.27
N ASP C 182 5.38 -1.46 19.33
CA ASP C 182 6.17 -2.15 18.29
C ASP C 182 5.24 -2.41 17.11
N SER C 183 5.24 -1.52 16.11
CA SER C 183 4.23 -1.49 15.03
C SER C 183 4.68 -2.41 13.90
N SER C 184 3.75 -3.22 13.39
CA SER C 184 3.91 -3.90 12.09
C SER C 184 4.20 -2.80 11.05
N SER C 185 4.93 -3.14 10.01
CA SER C 185 5.38 -2.18 8.96
C SER C 185 4.20 -1.74 8.11
N PHE C 186 4.21 -0.47 7.72
CA PHE C 186 3.16 0.11 6.88
C PHE C 186 3.81 0.71 5.62
N THR C 187 3.26 0.41 4.44
CA THR C 187 3.69 1.02 3.16
C THR C 187 2.63 2.01 2.69
N PHE C 188 3.06 3.19 2.23
CA PHE C 188 2.19 4.13 1.53
C PHE C 188 3.02 4.81 0.43
N SER C 189 2.37 5.67 -0.31
CA SER C 189 3.06 6.57 -1.25
C SER C 189 2.46 7.96 -1.11
N TYR C 190 3.15 8.93 -1.66
CA TYR C 190 2.69 10.31 -1.80
C TYR C 190 3.33 10.89 -3.05
N ILE C 191 2.71 11.93 -3.56
CA ILE C 191 3.20 12.69 -4.74
C ILE C 191 4.43 13.49 -4.32
N ALA C 192 5.51 13.36 -5.09
CA ALA C 192 6.81 13.98 -4.79
C ALA C 192 6.83 15.39 -5.35
N GLN C 193 7.41 16.33 -4.60
CA GLN C 193 7.95 17.62 -5.09
C GLN C 193 9.04 17.32 -6.11
N GLU C 194 9.42 18.28 -6.94
CA GLU C 194 10.72 18.26 -7.68
C GLU C 194 11.50 19.56 -7.44
N ASN C 195 12.81 19.54 -7.73
CA ASN C 195 13.74 20.71 -7.68
C ASN C 195 13.22 21.83 -8.59
#